data_7PUJ
#
_entry.id   7PUJ
#
_cell.length_a   112.150
_cell.length_b   112.150
_cell.length_c   64.620
_cell.angle_alpha   90.00
_cell.angle_beta   90.00
_cell.angle_gamma   120.00
#
_symmetry.space_group_name_H-M   'P 65'
#
loop_
_entity.id
_entity.type
_entity.pdbx_description
1 polymer Beta-N-acetylhexosaminidase
2 non-polymer 'ZINC ION'
3 non-polymer 'CHLORIDE ION'
4 water water
#
_entity_poly.entity_id   1
_entity_poly.type   'polypeptide(L)'
_entity_poly.pdbx_seq_one_letter_code
;GGSGNEPTQEKHFMVYYRAWRDKTMQGVNTTLPDENWLTMHDIPYGIDIVNVFSYVPKGQEALAQPFYDTLKNEYAPALH
ARGVRLVRGIDYSELLKVPYAGTTPTEAEFDAYAKELLTKFVDDLGIDGLDIDMETRPSEKDIVLSNGVIRALSKYIGPK
SGTDRPFLYDTNAEYLPPLQDVSDCFDFLAYQQYGSDDKRTQRALNNLSPVLNGERFVPGLTFPEEQDRNRWYDTKEPYM
ESNMYKVARYSYENNLGGMFLYALDRDGRTYNEDDLNQIKPSNLLWTKTAIAESKGVSLAEMKAAAQHYLKRISYANTDL
EAQNKAAETVTQATTLYDVNKAILGGDYGQGLSNTYDAELEKGLLAIDLTTLYRALDQAVAAIEKAESYTPETIQALQTT
KESVATELAGKTYTAAQVTTWQTEVQTALDNLKEK
;
_entity_poly.pdbx_strand_id   A
#
loop_
_chem_comp.id
_chem_comp.type
_chem_comp.name
_chem_comp.formula
CL non-polymer 'CHLORIDE ION' 'Cl -1'
ZN non-polymer 'ZINC ION' 'Zn 2'
#
# COMPACT_ATOMS: atom_id res chain seq x y z
N GLU A 10 12.19 9.59 -3.11
CA GLU A 10 11.64 10.24 -4.31
C GLU A 10 10.70 9.28 -5.02
N LYS A 11 10.96 7.99 -4.90
CA LYS A 11 10.18 7.00 -5.60
C LYS A 11 8.76 6.93 -5.03
N HIS A 12 7.90 6.27 -5.78
CA HIS A 12 6.50 6.10 -5.39
C HIS A 12 6.19 4.62 -5.32
N PHE A 13 5.34 4.24 -4.38
CA PHE A 13 4.64 2.97 -4.44
C PHE A 13 3.18 3.25 -4.16
N MET A 14 2.32 2.93 -5.12
CA MET A 14 0.89 3.20 -5.01
C MET A 14 0.12 1.89 -4.99
N VAL A 15 -0.99 1.84 -4.24
CA VAL A 15 -1.92 0.73 -4.38
C VAL A 15 -3.32 1.25 -4.62
N TYR A 16 -4.10 0.45 -5.35
CA TYR A 16 -5.53 0.71 -5.52
C TYR A 16 -6.28 -0.12 -4.49
N TYR A 17 -6.96 0.57 -3.59
CA TYR A 17 -7.70 -0.02 -2.49
C TYR A 17 -9.18 -0.06 -2.87
N ARG A 18 -9.71 -1.27 -3.06
CA ARG A 18 -11.11 -1.44 -3.44
C ARG A 18 -12.00 -1.15 -2.22
N ALA A 19 -12.76 -0.06 -2.31
CA ALA A 19 -13.46 0.44 -1.12
C ALA A 19 -14.48 -0.56 -0.62
N TRP A 20 -15.10 -1.30 -1.52
CA TRP A 20 -16.17 -2.24 -1.13
C TRP A 20 -15.61 -3.51 -0.49
N ARG A 21 -14.28 -3.63 -0.39
CA ARG A 21 -13.67 -4.73 0.33
C ARG A 21 -13.14 -4.30 1.70
N ASP A 22 -13.44 -3.08 2.12
CA ASP A 22 -13.16 -2.63 3.50
C ASP A 22 -14.15 -3.27 4.47
N LYS A 23 -13.73 -3.42 5.73
CA LYS A 23 -14.61 -4.03 6.73
C LYS A 23 -15.89 -3.22 6.94
N THR A 24 -15.84 -1.91 6.70
CA THR A 24 -17.03 -1.08 6.92
C THR A 24 -18.09 -1.25 5.84
N MET A 25 -17.83 -2.01 4.78
CA MET A 25 -18.83 -2.26 3.74
C MET A 25 -19.28 -3.71 3.80
N GLN A 26 -20.60 -3.92 3.70
CA GLN A 26 -21.20 -5.25 3.68
C GLN A 26 -22.23 -5.30 2.56
N GLY A 27 -22.03 -6.21 1.61
CA GLY A 27 -22.98 -6.38 0.51
C GLY A 27 -22.97 -5.30 -0.55
N VAL A 28 -21.90 -4.52 -0.67
CA VAL A 28 -21.79 -3.48 -1.69
C VAL A 28 -21.01 -4.03 -2.87
N ASN A 29 -21.59 -3.92 -4.06
CA ASN A 29 -20.91 -4.26 -5.31
C ASN A 29 -20.44 -5.72 -5.31
N THR A 30 -21.21 -6.60 -4.69
CA THR A 30 -20.81 -8.00 -4.65
C THR A 30 -22.02 -8.87 -4.40
N THR A 31 -21.99 -10.06 -4.98
CA THR A 31 -22.97 -11.11 -4.67
C THR A 31 -22.44 -12.08 -3.63
N LEU A 32 -21.18 -11.93 -3.22
CA LEU A 32 -20.58 -12.84 -2.22
C LEU A 32 -20.99 -12.41 -0.82
N PRO A 33 -21.41 -13.36 0.04
CA PRO A 33 -21.74 -13.00 1.42
C PRO A 33 -20.55 -12.86 2.35
N ASP A 34 -19.36 -13.23 1.90
CA ASP A 34 -18.16 -13.28 2.74
C ASP A 34 -17.91 -11.97 3.46
N GLU A 35 -17.46 -12.05 4.71
CA GLU A 35 -17.07 -10.85 5.44
C GLU A 35 -15.73 -10.34 4.93
N ASN A 36 -15.63 -9.03 4.81
CA ASN A 36 -14.37 -8.40 4.43
C ASN A 36 -13.36 -8.49 5.57
N TRP A 37 -12.07 -8.53 5.22
CA TRP A 37 -11.05 -8.91 6.20
C TRP A 37 -10.09 -7.80 6.59
N LEU A 38 -10.04 -6.68 5.87
CA LEU A 38 -9.08 -5.63 6.16
C LEU A 38 -9.75 -4.26 6.23
N THR A 39 -9.07 -3.32 6.88
CA THR A 39 -9.40 -1.91 6.83
C THR A 39 -8.22 -1.15 6.22
N MET A 40 -8.43 0.14 5.94
CA MET A 40 -7.33 0.92 5.39
C MET A 40 -6.15 1.03 6.33
N HIS A 41 -6.35 0.79 7.65
CA HIS A 41 -5.20 0.75 8.57
C HIS A 41 -4.20 -0.34 8.22
N ASP A 42 -4.64 -1.41 7.55
CA ASP A 42 -3.80 -2.56 7.24
C ASP A 42 -2.94 -2.35 6.01
N ILE A 43 -3.10 -1.23 5.32
CA ILE A 43 -2.28 -0.98 4.14
C ILE A 43 -0.81 -0.98 4.57
N PRO A 44 0.06 -1.72 3.89
CA PRO A 44 1.47 -1.78 4.30
C PRO A 44 2.19 -0.44 4.24
N TYR A 45 3.25 -0.36 5.06
CA TYR A 45 4.15 0.77 5.05
C TYR A 45 4.96 0.80 3.75
N GLY A 46 5.46 1.98 3.40
CA GLY A 46 6.19 2.14 2.15
C GLY A 46 5.31 2.47 0.97
N ILE A 47 4.01 2.61 1.18
CA ILE A 47 3.06 2.98 0.14
C ILE A 47 2.74 4.45 0.35
N ASP A 48 3.13 5.30 -0.60
CA ASP A 48 2.97 6.72 -0.33
C ASP A 48 1.71 7.32 -0.93
N ILE A 49 1.05 6.61 -1.86
CA ILE A 49 -0.19 7.08 -2.45
C ILE A 49 -1.18 5.93 -2.44
N VAL A 50 -2.36 6.16 -1.91
CA VAL A 50 -3.43 5.16 -1.92
C VAL A 50 -4.56 5.69 -2.79
N ASN A 51 -4.91 4.94 -3.84
CA ASN A 51 -6.05 5.31 -4.67
C ASN A 51 -7.27 4.56 -4.15
N VAL A 52 -8.27 5.31 -3.70
CA VAL A 52 -9.52 4.74 -3.19
C VAL A 52 -10.40 4.49 -4.40
N PHE A 53 -10.55 3.24 -4.82
CA PHE A 53 -11.35 2.90 -5.97
C PHE A 53 -12.68 2.39 -5.47
N SER A 54 -13.75 3.10 -5.84
CA SER A 54 -15.07 2.82 -5.31
C SER A 54 -16.06 2.75 -6.46
N TYR A 55 -16.85 1.68 -6.50
CA TYR A 55 -18.03 1.60 -7.35
C TYR A 55 -19.21 1.24 -6.46
N VAL A 56 -20.24 2.08 -6.47
CA VAL A 56 -21.44 1.89 -5.66
C VAL A 56 -22.63 1.76 -6.60
N PRO A 57 -23.12 0.54 -6.83
CA PRO A 57 -24.30 0.37 -7.70
C PRO A 57 -25.48 1.20 -7.21
N LYS A 58 -26.35 1.57 -8.14
CA LYS A 58 -27.54 2.35 -7.79
C LYS A 58 -28.35 1.61 -6.74
N GLY A 59 -28.75 2.33 -5.70
CA GLY A 59 -29.51 1.76 -4.61
C GLY A 59 -28.69 1.33 -3.41
N GLN A 60 -27.37 1.25 -3.54
CA GLN A 60 -26.51 0.82 -2.44
C GLN A 60 -25.77 1.98 -1.78
N GLU A 61 -26.26 3.22 -1.98
CA GLU A 61 -25.54 4.37 -1.44
C GLU A 61 -25.59 4.39 0.09
N ALA A 62 -26.72 3.96 0.67
CA ALA A 62 -26.81 3.91 2.13
C ALA A 62 -25.88 2.86 2.71
N LEU A 63 -25.72 1.72 2.02
CA LEU A 63 -24.81 0.68 2.48
C LEU A 63 -23.36 1.14 2.44
N ALA A 64 -23.01 1.98 1.46
CA ALA A 64 -21.63 2.43 1.31
C ALA A 64 -21.28 3.61 2.20
N GLN A 65 -22.28 4.30 2.77
CA GLN A 65 -21.98 5.53 3.52
C GLN A 65 -21.08 5.32 4.73
N PRO A 66 -21.22 4.26 5.54
CA PRO A 66 -20.28 4.09 6.65
C PRO A 66 -18.82 4.15 6.22
N PHE A 67 -18.49 3.56 5.06
CA PHE A 67 -17.11 3.65 4.58
C PHE A 67 -16.71 5.10 4.36
N TYR A 68 -17.53 5.87 3.65
CA TYR A 68 -17.17 7.26 3.35
C TYR A 68 -17.04 8.08 4.62
N ASP A 69 -17.93 7.87 5.60
CA ASP A 69 -17.75 8.59 6.86
C ASP A 69 -16.45 8.19 7.54
N THR A 70 -16.14 6.89 7.52
CA THR A 70 -14.91 6.41 8.16
C THR A 70 -13.67 6.90 7.42
N LEU A 71 -13.73 6.93 6.08
CA LEU A 71 -12.62 7.48 5.31
C LEU A 71 -12.34 8.93 5.70
N LYS A 72 -13.38 9.77 5.72
CA LYS A 72 -13.18 11.19 6.01
C LYS A 72 -12.70 11.42 7.44
N ASN A 73 -13.28 10.69 8.40
CA ASN A 73 -13.03 11.01 9.80
C ASN A 73 -12.01 10.12 10.49
N GLU A 74 -11.65 8.98 9.90
CA GLU A 74 -10.73 8.08 10.59
C GLU A 74 -9.55 7.68 9.71
N TYR A 75 -9.85 7.13 8.54
CA TYR A 75 -8.81 6.54 7.69
C TYR A 75 -7.88 7.60 7.14
N ALA A 76 -8.43 8.67 6.57
CA ALA A 76 -7.59 9.72 6.01
C ALA A 76 -6.70 10.36 7.08
N PRO A 77 -7.21 10.76 8.26
CA PRO A 77 -6.29 11.30 9.28
C PRO A 77 -5.21 10.32 9.68
N ALA A 78 -5.59 9.05 9.83
CA ALA A 78 -4.61 8.04 10.22
C ALA A 78 -3.54 7.86 9.15
N LEU A 79 -3.93 7.82 7.88
CA LEU A 79 -2.92 7.63 6.83
C LEU A 79 -2.07 8.88 6.68
N HIS A 80 -2.66 10.06 6.85
CA HIS A 80 -1.86 11.29 6.81
C HIS A 80 -0.81 11.28 7.91
N ALA A 81 -1.16 10.76 9.09
CA ALA A 81 -0.20 10.63 10.18
C ALA A 81 0.99 9.79 9.78
N ARG A 82 0.79 8.81 8.91
CA ARG A 82 1.85 7.95 8.40
C ARG A 82 2.51 8.49 7.14
N GLY A 83 2.11 9.67 6.66
CA GLY A 83 2.74 10.23 5.48
C GLY A 83 2.15 9.80 4.15
N VAL A 84 0.97 9.20 4.15
CA VAL A 84 0.33 8.67 2.96
C VAL A 84 -0.63 9.71 2.42
N ARG A 85 -0.70 9.84 1.09
CA ARG A 85 -1.66 10.72 0.44
C ARG A 85 -2.72 9.88 -0.28
N LEU A 86 -3.94 10.39 -0.31
CA LEU A 86 -5.08 9.67 -0.88
C LEU A 86 -5.53 10.33 -2.18
N VAL A 87 -5.83 9.51 -3.18
CA VAL A 87 -6.38 9.98 -4.46
C VAL A 87 -7.57 9.11 -4.83
N ARG A 88 -8.35 9.60 -5.79
CA ARG A 88 -9.33 8.77 -6.48
C ARG A 88 -9.38 9.17 -7.95
N GLY A 89 -9.87 8.25 -8.79
CA GLY A 89 -9.94 8.47 -10.21
C GLY A 89 -11.32 8.90 -10.68
N ILE A 90 -11.35 9.65 -11.77
CA ILE A 90 -12.57 9.88 -12.54
C ILE A 90 -12.29 9.52 -14.00
N ASP A 91 -13.33 9.06 -14.70
CA ASP A 91 -13.13 8.72 -16.09
C ASP A 91 -12.89 9.98 -16.91
N TYR A 92 -12.02 9.83 -17.92
CA TYR A 92 -11.76 10.92 -18.87
C TYR A 92 -13.06 11.54 -19.37
N SER A 93 -14.10 10.73 -19.54
CA SER A 93 -15.37 11.26 -20.06
C SER A 93 -15.95 12.34 -19.16
N GLU A 94 -15.64 12.31 -17.85
CA GLU A 94 -16.12 13.36 -16.95
C GLU A 94 -15.58 14.73 -17.34
N LEU A 95 -14.38 14.79 -17.91
CA LEU A 95 -13.82 16.07 -18.31
C LEU A 95 -14.63 16.72 -19.42
N LEU A 96 -15.29 15.92 -20.25
CA LEU A 96 -15.92 16.42 -21.46
C LEU A 96 -17.29 17.04 -21.21
N LYS A 97 -17.80 16.93 -19.99
CA LYS A 97 -19.07 17.50 -19.58
C LYS A 97 -18.97 18.96 -19.17
N VAL A 98 -17.80 19.57 -19.36
CA VAL A 98 -17.56 20.96 -18.98
C VAL A 98 -18.63 21.83 -19.63
N PRO A 99 -19.39 22.60 -18.84
CA PRO A 99 -20.38 23.50 -19.42
C PRO A 99 -19.73 24.75 -20.00
N TYR A 100 -20.30 25.24 -21.10
CA TYR A 100 -19.79 26.46 -21.71
C TYR A 100 -20.87 27.07 -22.58
N ALA A 101 -20.74 28.37 -22.84
CA ALA A 101 -21.75 29.15 -23.53
C ALA A 101 -21.55 29.17 -25.05
N GLY A 102 -20.31 29.32 -25.50
CA GLY A 102 -20.01 29.48 -26.91
C GLY A 102 -19.78 28.17 -27.63
N THR A 103 -18.93 28.23 -28.65
CA THR A 103 -18.54 27.02 -29.36
C THR A 103 -17.49 26.22 -28.61
N THR A 104 -16.83 26.85 -27.64
CA THR A 104 -15.74 26.22 -26.90
C THR A 104 -15.60 26.96 -25.58
N PRO A 105 -15.15 26.30 -24.52
CA PRO A 105 -15.13 26.95 -23.20
C PRO A 105 -14.05 28.03 -23.13
N THR A 106 -14.36 29.07 -22.37
CA THR A 106 -13.39 30.12 -22.06
C THR A 106 -12.46 29.65 -20.95
N GLU A 107 -11.36 30.39 -20.77
CA GLU A 107 -10.47 30.09 -19.65
C GLU A 107 -11.24 30.09 -18.34
N ALA A 108 -12.17 31.04 -18.17
CA ALA A 108 -12.97 31.11 -16.96
C ALA A 108 -13.91 29.91 -16.84
N GLU A 109 -14.44 29.42 -17.96
CA GLU A 109 -15.34 28.27 -17.89
C GLU A 109 -14.56 26.99 -17.58
N PHE A 110 -13.35 26.86 -18.14
CA PHE A 110 -12.51 25.72 -17.76
C PHE A 110 -12.22 25.75 -16.27
N ASP A 111 -11.82 26.92 -15.75
CA ASP A 111 -11.45 27.04 -14.33
C ASP A 111 -12.64 26.76 -13.41
N ALA A 112 -13.81 27.32 -13.75
CA ALA A 112 -15.03 27.03 -12.99
C ALA A 112 -15.26 25.53 -12.87
N TYR A 113 -15.10 24.80 -13.98
CA TYR A 113 -15.41 23.37 -13.95
C TYR A 113 -14.35 22.59 -13.17
N ALA A 114 -13.08 22.98 -13.30
CA ALA A 114 -12.03 22.32 -12.52
C ALA A 114 -12.32 22.40 -11.03
N LYS A 115 -12.77 23.57 -10.55
CA LYS A 115 -13.09 23.68 -9.12
C LYS A 115 -14.30 22.83 -8.75
N GLU A 116 -15.28 22.74 -9.66
CA GLU A 116 -16.44 21.89 -9.42
C GLU A 116 -16.02 20.43 -9.28
N LEU A 117 -15.17 19.96 -10.20
CA LEU A 117 -14.70 18.57 -10.16
C LEU A 117 -13.99 18.27 -8.85
N LEU A 118 -13.06 19.13 -8.45
CA LEU A 118 -12.33 18.89 -7.20
C LEU A 118 -13.27 18.88 -6.01
N THR A 119 -14.25 19.78 -5.97
CA THR A 119 -15.16 19.79 -4.82
C THR A 119 -15.96 18.49 -4.73
N LYS A 120 -16.56 18.08 -5.85
CA LYS A 120 -17.45 16.93 -5.88
C LYS A 120 -16.69 15.63 -5.60
N PHE A 121 -15.57 15.43 -6.29
CA PHE A 121 -14.94 14.11 -6.31
C PHE A 121 -13.77 13.97 -5.35
N VAL A 122 -13.20 15.07 -4.86
CA VAL A 122 -12.02 14.98 -4.00
C VAL A 122 -12.27 15.61 -2.64
N ASP A 123 -12.58 16.91 -2.63
CA ASP A 123 -12.62 17.65 -1.38
C ASP A 123 -13.70 17.12 -0.45
N ASP A 124 -14.90 16.88 -1.00
CA ASP A 124 -16.00 16.39 -0.17
C ASP A 124 -15.72 15.03 0.46
N LEU A 125 -14.79 14.25 -0.10
CA LEU A 125 -14.51 12.93 0.45
C LEU A 125 -13.39 12.93 1.47
N GLY A 126 -12.74 14.06 1.71
CA GLY A 126 -11.54 14.06 2.51
C GLY A 126 -10.32 13.48 1.82
N ILE A 127 -10.34 13.42 0.49
CA ILE A 127 -9.25 12.90 -0.33
C ILE A 127 -8.33 14.08 -0.67
N ASP A 128 -7.09 13.78 -1.09
CA ASP A 128 -6.10 14.81 -1.39
C ASP A 128 -6.00 15.14 -2.87
N GLY A 129 -6.05 14.14 -3.74
CA GLY A 129 -5.79 14.38 -5.15
C GLY A 129 -6.62 13.55 -6.11
N LEU A 130 -6.27 13.60 -7.39
CA LEU A 130 -7.12 13.10 -8.47
C LEU A 130 -6.31 12.31 -9.49
N ASP A 131 -6.90 11.21 -9.98
CA ASP A 131 -6.44 10.50 -11.17
C ASP A 131 -7.44 10.72 -12.31
N ILE A 132 -6.93 10.88 -13.52
CA ILE A 132 -7.74 10.82 -14.74
C ILE A 132 -7.56 9.43 -15.36
N ASP A 133 -8.64 8.67 -15.50
CA ASP A 133 -8.57 7.33 -16.08
CA ASP A 133 -8.59 7.32 -16.08
C ASP A 133 -8.90 7.44 -17.57
N MET A 134 -7.89 7.23 -18.41
CA MET A 134 -7.99 7.38 -19.87
C MET A 134 -7.70 6.04 -20.52
N GLU A 135 -8.75 5.30 -20.89
CA GLU A 135 -8.60 3.99 -21.51
C GLU A 135 -9.42 3.92 -22.79
N THR A 136 -9.46 5.01 -23.55
CA THR A 136 -10.14 5.04 -24.83
C THR A 136 -9.24 5.80 -25.81
N ARG A 137 -9.78 6.11 -26.99
CA ARG A 137 -9.07 6.88 -28.01
CA ARG A 137 -9.07 6.88 -28.01
C ARG A 137 -9.90 8.11 -28.33
N PRO A 138 -9.76 9.18 -27.55
CA PRO A 138 -10.62 10.36 -27.72
C PRO A 138 -10.36 11.07 -29.03
N SER A 139 -11.40 11.78 -29.50
CA SER A 139 -11.34 12.55 -30.73
C SER A 139 -10.60 13.86 -30.52
N GLU A 140 -10.25 14.50 -31.65
CA GLU A 140 -9.59 15.80 -31.56
C GLU A 140 -10.50 16.83 -30.91
N LYS A 141 -11.81 16.74 -31.15
CA LYS A 141 -12.76 17.63 -30.47
C LYS A 141 -12.75 17.40 -28.96
N ASP A 142 -12.69 16.13 -28.54
CA ASP A 142 -12.65 15.84 -27.10
C ASP A 142 -11.43 16.46 -26.46
N ILE A 143 -10.29 16.39 -27.15
CA ILE A 143 -9.00 16.76 -26.56
C ILE A 143 -8.92 18.26 -26.36
N VAL A 144 -9.58 19.05 -27.20
CA VAL A 144 -9.66 20.48 -26.93
C VAL A 144 -10.31 20.73 -25.57
N LEU A 145 -11.37 19.96 -25.26
CA LEU A 145 -12.03 20.08 -23.97
C LEU A 145 -11.16 19.58 -22.83
N SER A 146 -10.60 18.37 -22.98
CA SER A 146 -9.84 17.80 -21.87
C SER A 146 -8.53 18.55 -21.63
N ASN A 147 -7.87 19.02 -22.70
CA ASN A 147 -6.69 19.87 -22.53
C ASN A 147 -7.02 21.07 -21.63
N GLY A 148 -8.13 21.75 -21.91
CA GLY A 148 -8.49 22.93 -21.13
C GLY A 148 -8.82 22.59 -19.68
N VAL A 149 -9.56 21.50 -19.46
CA VAL A 149 -9.92 21.15 -18.08
C VAL A 149 -8.69 20.72 -17.30
N ILE A 150 -7.83 19.90 -17.90
CA ILE A 150 -6.62 19.44 -17.20
C ILE A 150 -5.70 20.63 -16.90
N ARG A 151 -5.59 21.55 -17.85
CA ARG A 151 -4.78 22.74 -17.59
CA ARG A 151 -4.80 22.76 -17.61
C ARG A 151 -5.36 23.56 -16.44
N ALA A 152 -6.69 23.68 -16.38
CA ALA A 152 -7.29 24.41 -15.26
C ALA A 152 -7.08 23.69 -13.94
N LEU A 153 -7.16 22.35 -13.94
CA LEU A 153 -6.91 21.60 -12.71
C LEU A 153 -5.49 21.77 -12.23
N SER A 154 -4.53 21.90 -13.14
CA SER A 154 -3.12 21.97 -12.74
C SER A 154 -2.80 23.21 -11.90
N LYS A 155 -3.67 24.23 -11.89
CA LYS A 155 -3.47 25.36 -10.99
C LYS A 155 -3.70 24.97 -9.54
N TYR A 156 -4.49 23.92 -9.29
CA TYR A 156 -4.88 23.50 -7.95
C TYR A 156 -4.19 22.24 -7.47
N ILE A 157 -3.82 21.32 -8.38
CA ILE A 157 -3.22 20.06 -7.98
C ILE A 157 -2.07 19.74 -8.92
N GLY A 158 -1.18 18.86 -8.45
CA GLY A 158 -0.08 18.42 -9.27
C GLY A 158 1.10 19.36 -9.30
N PRO A 159 2.12 19.04 -10.11
CA PRO A 159 3.38 19.80 -10.09
C PRO A 159 3.23 21.27 -10.40
N LYS A 160 2.31 21.63 -11.30
CA LYS A 160 2.20 23.04 -11.68
C LYS A 160 1.50 23.87 -10.64
N SER A 161 0.88 23.25 -9.65
CA SER A 161 0.09 23.95 -8.65
C SER A 161 0.92 24.43 -7.47
N GLY A 162 2.13 23.90 -7.30
CA GLY A 162 2.94 24.19 -6.12
C GLY A 162 2.54 23.45 -4.86
N THR A 163 1.47 22.65 -4.90
CA THR A 163 0.94 21.98 -3.70
C THR A 163 1.47 20.55 -3.64
N ASP A 164 1.14 19.88 -2.52
CA ASP A 164 1.43 18.46 -2.34
C ASP A 164 0.23 17.58 -2.71
N ARG A 165 -0.69 18.08 -3.52
CA ARG A 165 -1.85 17.29 -3.95
C ARG A 165 -1.52 16.54 -5.23
N PRO A 166 -1.58 15.20 -5.26
CA PRO A 166 -1.21 14.49 -6.48
C PRO A 166 -2.24 14.67 -7.59
N PHE A 167 -1.73 14.66 -8.81
CA PHE A 167 -2.52 14.71 -10.05
C PHE A 167 -1.93 13.64 -10.95
N LEU A 168 -2.68 12.55 -11.16
CA LEU A 168 -2.15 11.40 -11.86
C LEU A 168 -2.96 11.12 -13.12
N TYR A 169 -2.30 10.48 -14.07
CA TYR A 169 -2.91 10.02 -15.32
C TYR A 169 -2.79 8.50 -15.38
N ASP A 170 -3.93 7.84 -15.59
CA ASP A 170 -4.08 6.39 -15.44
CA ASP A 170 -4.08 6.39 -15.45
C ASP A 170 -4.43 5.80 -16.80
N THR A 171 -3.61 4.87 -17.31
CA THR A 171 -3.94 4.31 -18.62
C THR A 171 -3.29 2.94 -18.78
N ASN A 172 -3.82 2.15 -19.71
CA ASN A 172 -3.27 0.85 -20.09
C ASN A 172 -2.71 0.83 -21.50
N ALA A 173 -2.54 2.00 -22.13
CA ALA A 173 -2.01 2.07 -23.48
C ALA A 173 -1.13 3.31 -23.61
N GLU A 174 -0.63 3.55 -24.81
CA GLU A 174 0.25 4.70 -24.99
C GLU A 174 -0.32 5.68 -26.02
N TYR A 175 -1.60 6.01 -25.86
CA TYR A 175 -2.30 6.87 -26.83
C TYR A 175 -1.95 8.33 -26.56
N LEU A 176 -1.18 8.94 -27.46
CA LEU A 176 -0.54 10.22 -27.20
C LEU A 176 -1.45 11.44 -27.28
N PRO A 177 -2.43 11.51 -28.17
CA PRO A 177 -3.14 12.79 -28.40
C PRO A 177 -3.71 13.43 -27.13
N PRO A 178 -4.41 12.71 -26.23
CA PRO A 178 -4.95 13.38 -25.04
C PRO A 178 -3.92 13.65 -23.96
N LEU A 179 -2.68 13.27 -24.17
CA LEU A 179 -1.64 13.41 -23.15
C LEU A 179 -0.59 14.43 -23.53
N GLN A 180 -0.25 14.52 -24.82
CA GLN A 180 0.98 15.20 -25.22
C GLN A 180 0.93 16.70 -24.96
N ASP A 181 -0.25 17.31 -24.92
CA ASP A 181 -0.32 18.74 -24.68
C ASP A 181 -0.30 19.10 -23.20
N VAL A 182 -0.52 18.13 -22.31
CA VAL A 182 -0.73 18.43 -20.89
C VAL A 182 0.05 17.49 -19.99
N SER A 183 1.01 16.74 -20.54
CA SER A 183 1.68 15.72 -19.72
C SER A 183 2.42 16.34 -18.55
N ASP A 184 2.91 17.57 -18.70
CA ASP A 184 3.59 18.26 -17.61
C ASP A 184 2.67 18.54 -16.42
N CYS A 185 1.36 18.39 -16.57
CA CYS A 185 0.45 18.66 -15.46
C CYS A 185 0.43 17.56 -14.41
N PHE A 186 0.96 16.38 -14.70
CA PHE A 186 0.80 15.20 -13.86
C PHE A 186 2.06 14.88 -13.08
N ASP A 187 1.88 14.44 -11.82
CA ASP A 187 3.02 13.95 -11.04
C ASP A 187 3.66 12.77 -11.73
N PHE A 188 2.83 11.81 -12.16
CA PHE A 188 3.32 10.69 -12.93
C PHE A 188 2.16 10.06 -13.68
N LEU A 189 2.52 9.24 -14.66
CA LEU A 189 1.57 8.39 -15.36
C LEU A 189 1.59 7.02 -14.71
N ALA A 190 0.40 6.52 -14.34
CA ALA A 190 0.26 5.17 -13.82
C ALA A 190 -0.10 4.25 -14.99
N TYR A 191 0.80 3.33 -15.33
CA TYR A 191 0.67 2.51 -16.53
C TYR A 191 0.24 1.09 -16.15
N GLN A 192 -1.01 0.74 -16.46
CA GLN A 192 -1.52 -0.60 -16.16
C GLN A 192 -0.97 -1.57 -17.17
N GLN A 193 -0.23 -2.58 -16.70
CA GLN A 193 0.27 -3.60 -17.60
C GLN A 193 0.04 -5.00 -17.02
N TYR A 194 -1.15 -5.19 -16.46
CA TYR A 194 -1.53 -6.46 -15.83
C TYR A 194 -1.24 -7.62 -16.77
N GLY A 195 -0.58 -8.65 -16.25
CA GLY A 195 -0.33 -9.85 -17.01
C GLY A 195 0.96 -9.86 -17.82
N SER A 196 1.66 -8.72 -17.93
CA SER A 196 2.81 -8.58 -18.81
C SER A 196 4.07 -8.31 -18.00
N ASP A 197 5.20 -8.68 -18.59
CA ASP A 197 6.50 -8.57 -17.93
C ASP A 197 7.20 -7.26 -18.29
N ASP A 198 8.51 -7.19 -18.00
CA ASP A 198 9.25 -5.95 -18.17
C ASP A 198 9.55 -5.62 -19.63
N LYS A 199 9.35 -6.56 -20.55
CA LYS A 199 9.48 -6.23 -21.97
CA LYS A 199 9.49 -6.22 -21.97
C LYS A 199 8.44 -5.19 -22.37
N ARG A 200 7.23 -5.30 -21.81
CA ARG A 200 6.19 -4.31 -22.07
C ARG A 200 6.51 -2.99 -21.38
N THR A 201 7.10 -3.04 -20.18
CA THR A 201 7.48 -1.81 -19.50
C THR A 201 8.42 -0.99 -20.38
N GLN A 202 9.42 -1.65 -20.96
CA GLN A 202 10.39 -0.97 -21.82
C GLN A 202 9.71 -0.37 -23.05
N ARG A 203 8.87 -1.16 -23.72
CA ARG A 203 8.22 -0.68 -24.94
CA ARG A 203 8.22 -0.69 -24.94
C ARG A 203 7.30 0.48 -24.66
N ALA A 204 6.48 0.37 -23.61
CA ALA A 204 5.54 1.43 -23.30
C ALA A 204 6.26 2.72 -22.97
N LEU A 205 7.35 2.64 -22.21
CA LEU A 205 8.07 3.87 -21.87
C LEU A 205 8.70 4.48 -23.12
N ASN A 206 9.21 3.64 -24.04
CA ASN A 206 9.74 4.17 -25.30
C ASN A 206 8.66 4.91 -26.08
N ASN A 207 7.46 4.34 -26.15
CA ASN A 207 6.38 4.98 -26.88
C ASN A 207 5.93 6.28 -26.20
N LEU A 208 6.05 6.36 -24.88
CA LEU A 208 5.62 7.57 -24.18
C LEU A 208 6.74 8.60 -24.06
N SER A 209 7.97 8.24 -24.39
CA SER A 209 9.10 9.12 -24.15
C SER A 209 9.01 10.48 -24.85
N PRO A 210 8.34 10.64 -26.00
CA PRO A 210 8.21 12.00 -26.54
C PRO A 210 7.45 12.94 -25.63
N VAL A 211 6.66 12.44 -24.68
CA VAL A 211 5.86 13.29 -23.81
C VAL A 211 6.12 13.06 -22.34
N LEU A 212 6.94 12.08 -21.97
CA LEU A 212 7.04 11.69 -20.57
C LEU A 212 8.40 11.09 -20.30
N ASN A 213 9.08 11.61 -19.27
CA ASN A 213 10.36 11.04 -18.85
C ASN A 213 10.14 9.83 -17.93
N GLY A 214 11.13 8.92 -17.93
CA GLY A 214 10.98 7.67 -17.21
C GLY A 214 10.77 7.82 -15.72
N GLU A 215 11.31 8.88 -15.12
CA GLU A 215 11.13 9.12 -13.69
C GLU A 215 9.69 9.44 -13.33
N ARG A 216 8.84 9.76 -14.30
CA ARG A 216 7.44 10.04 -14.04
C ARG A 216 6.54 8.95 -14.65
N PHE A 217 7.08 7.76 -14.79
CA PHE A 217 6.37 6.59 -15.32
C PHE A 217 6.35 5.53 -14.23
N VAL A 218 5.16 5.06 -13.87
CA VAL A 218 4.95 4.12 -12.75
C VAL A 218 4.16 2.93 -13.26
N PRO A 219 4.81 1.81 -13.57
CA PRO A 219 4.09 0.64 -14.08
C PRO A 219 3.39 -0.11 -12.97
N GLY A 220 2.32 -0.82 -13.32
CA GLY A 220 1.50 -1.49 -12.32
C GLY A 220 1.06 -2.88 -12.75
N LEU A 221 0.89 -3.73 -11.74
CA LEU A 221 0.41 -5.10 -11.91
C LEU A 221 -0.82 -5.30 -11.03
N THR A 222 -1.43 -6.49 -11.13
CA THR A 222 -2.66 -6.74 -10.41
C THR A 222 -2.61 -8.05 -9.64
N PHE A 223 -3.45 -8.14 -8.64
CA PHE A 223 -3.75 -9.43 -8.02
C PHE A 223 -5.07 -9.95 -8.59
N PRO A 224 -5.29 -11.27 -8.56
CA PRO A 224 -6.51 -11.83 -9.17
C PRO A 224 -7.76 -11.44 -8.39
N GLU A 225 -8.72 -10.85 -9.09
CA GLU A 225 -9.98 -10.43 -8.48
C GLU A 225 -10.99 -11.55 -8.54
N GLU A 226 -11.80 -11.64 -7.49
CA GLU A 226 -12.85 -12.66 -7.44
C GLU A 226 -13.83 -12.45 -8.60
N GLN A 227 -14.28 -13.57 -9.17
CA GLN A 227 -15.33 -13.62 -10.18
C GLN A 227 -14.92 -13.00 -11.51
N ASP A 228 -13.64 -12.70 -11.71
CA ASP A 228 -13.20 -12.02 -12.91
C ASP A 228 -13.17 -12.97 -14.09
N ARG A 229 -13.65 -12.49 -15.24
CA ARG A 229 -13.47 -13.28 -16.46
C ARG A 229 -12.05 -13.15 -17.02
N ASN A 230 -11.39 -12.02 -16.78
CA ASN A 230 -10.01 -11.86 -17.20
C ASN A 230 -9.08 -12.79 -16.40
N ARG A 231 -7.92 -13.06 -16.98
CA ARG A 231 -6.86 -13.82 -16.32
C ARG A 231 -5.53 -13.09 -16.50
N TRP A 232 -5.04 -12.48 -15.42
CA TRP A 232 -3.72 -11.84 -15.41
C TRP A 232 -2.88 -12.50 -14.33
N TYR A 233 -1.81 -13.16 -14.72
CA TYR A 233 -1.00 -13.95 -13.78
C TYR A 233 0.29 -13.19 -13.49
N ASP A 234 0.25 -12.33 -12.47
CA ASP A 234 1.41 -11.50 -12.15
C ASP A 234 2.23 -12.04 -10.99
N THR A 235 1.72 -13.02 -10.26
CA THR A 235 2.48 -13.72 -9.23
C THR A 235 2.64 -15.19 -9.60
N LYS A 236 3.78 -15.76 -9.20
CA LYS A 236 4.07 -17.17 -9.34
C LYS A 236 5.37 -17.46 -8.61
N GLU A 237 5.52 -18.74 -8.24
CA GLU A 237 6.82 -19.23 -7.84
C GLU A 237 7.41 -20.09 -8.94
N PRO A 238 8.74 -20.08 -9.15
CA PRO A 238 9.79 -19.31 -8.45
C PRO A 238 9.60 -17.81 -8.60
N TYR A 239 9.92 -17.07 -7.53
CA TYR A 239 9.68 -15.63 -7.47
C TYR A 239 10.25 -14.90 -8.69
N MET A 240 11.47 -15.22 -9.10
CA MET A 240 12.09 -14.43 -10.15
C MET A 240 11.53 -14.72 -11.54
N GLU A 241 10.64 -15.70 -11.69
CA GLU A 241 9.90 -15.87 -12.92
C GLU A 241 8.64 -15.02 -12.98
N SER A 242 8.23 -14.39 -11.88
CA SER A 242 6.98 -13.68 -11.81
C SER A 242 7.08 -12.30 -12.46
N ASN A 243 5.95 -11.82 -13.01
CA ASN A 243 5.93 -10.43 -13.48
C ASN A 243 6.21 -9.47 -12.33
N MET A 244 5.78 -9.81 -11.11
CA MET A 244 5.95 -8.88 -10.00
C MET A 244 7.44 -8.67 -9.68
N TYR A 245 8.26 -9.71 -9.78
CA TYR A 245 9.70 -9.49 -9.66
C TYR A 245 10.23 -8.70 -10.85
N LYS A 246 9.91 -9.14 -12.07
CA LYS A 246 10.57 -8.57 -13.24
C LYS A 246 10.27 -7.08 -13.38
N VAL A 247 9.02 -6.69 -13.16
CA VAL A 247 8.66 -5.29 -13.32
C VAL A 247 9.20 -4.46 -12.17
N ALA A 248 9.16 -4.97 -10.94
CA ALA A 248 9.72 -4.21 -9.84
C ALA A 248 11.22 -3.99 -10.02
N ARG A 249 11.92 -5.05 -10.44
CA ARG A 249 13.35 -4.97 -10.69
C ARG A 249 13.66 -4.01 -11.84
N TYR A 250 12.90 -4.11 -12.94
CA TYR A 250 13.13 -3.21 -14.08
C TYR A 250 12.92 -1.75 -13.69
N SER A 251 11.84 -1.46 -12.93
CA SER A 251 11.59 -0.10 -12.48
C SER A 251 12.75 0.42 -11.66
N TYR A 252 13.29 -0.40 -10.77
CA TYR A 252 14.42 0.02 -9.97
C TYR A 252 15.66 0.22 -10.83
N GLU A 253 15.98 -0.79 -11.64
CA GLU A 253 17.19 -0.75 -12.46
C GLU A 253 17.21 0.44 -13.41
N ASN A 254 16.05 0.92 -13.86
CA ASN A 254 16.00 1.94 -14.88
C ASN A 254 15.50 3.29 -14.38
N ASN A 255 15.50 3.50 -13.07
CA ASN A 255 15.17 4.79 -12.45
C ASN A 255 13.79 5.28 -12.86
N LEU A 256 12.83 4.37 -12.89
CA LEU A 256 11.45 4.74 -13.15
C LEU A 256 10.84 5.38 -11.90
N GLY A 257 9.58 5.81 -12.01
CA GLY A 257 9.01 6.54 -10.89
C GLY A 257 8.62 5.69 -9.70
N GLY A 258 8.58 4.38 -9.89
CA GLY A 258 8.14 3.46 -8.84
C GLY A 258 7.32 2.31 -9.39
N MET A 259 6.26 1.95 -8.68
CA MET A 259 5.42 0.83 -9.09
C MET A 259 4.06 1.00 -8.43
N PHE A 260 3.04 0.36 -9.01
CA PHE A 260 1.76 0.28 -8.31
C PHE A 260 1.19 -1.13 -8.40
N LEU A 261 0.25 -1.42 -7.50
CA LEU A 261 -0.46 -2.69 -7.49
C LEU A 261 -1.96 -2.43 -7.38
N TYR A 262 -2.74 -3.20 -8.14
CA TYR A 262 -4.19 -3.11 -8.12
C TYR A 262 -4.78 -4.23 -7.27
N ALA A 263 -5.77 -3.87 -6.44
CA ALA A 263 -6.51 -4.79 -5.57
C ALA A 263 -5.62 -5.39 -4.48
N LEU A 264 -5.14 -4.51 -3.59
CA LEU A 264 -4.33 -4.91 -2.44
C LEU A 264 -4.93 -6.10 -1.69
N ASP A 265 -6.25 -6.12 -1.53
CA ASP A 265 -6.94 -7.08 -0.66
C ASP A 265 -6.85 -8.52 -1.20
N ARG A 266 -6.47 -8.66 -2.47
CA ARG A 266 -6.37 -9.96 -3.13
C ARG A 266 -4.94 -10.48 -3.23
N ASP A 267 -4.00 -9.86 -2.50
CA ASP A 267 -2.59 -10.28 -2.46
C ASP A 267 -2.48 -11.78 -2.18
N GLY A 268 -1.90 -12.52 -3.12
CA GLY A 268 -1.71 -13.95 -2.94
C GLY A 268 -2.83 -14.81 -3.47
N ARG A 269 -3.94 -14.23 -3.89
CA ARG A 269 -5.05 -15.05 -4.36
C ARG A 269 -4.76 -15.57 -5.76
N THR A 270 -5.56 -16.55 -6.19
CA THR A 270 -5.46 -17.16 -7.51
C THR A 270 -6.81 -17.04 -8.21
N TYR A 271 -6.87 -17.63 -9.40
CA TYR A 271 -8.12 -17.79 -10.12
C TYR A 271 -8.66 -19.21 -10.02
N ASN A 272 -8.06 -20.05 -9.18
CA ASN A 272 -8.57 -21.40 -8.93
C ASN A 272 -10.01 -21.32 -8.40
N GLU A 273 -10.68 -22.48 -8.40
CA GLU A 273 -12.09 -22.50 -8.02
C GLU A 273 -12.32 -22.03 -6.58
N ASP A 274 -11.35 -22.22 -5.68
CA ASP A 274 -11.58 -21.76 -4.32
C ASP A 274 -11.49 -20.24 -4.24
N ASP A 275 -10.42 -19.65 -4.79
CA ASP A 275 -10.24 -18.20 -4.67
C ASP A 275 -11.25 -17.42 -5.50
N LEU A 276 -11.63 -17.95 -6.68
CA LEU A 276 -12.47 -17.20 -7.59
C LEU A 276 -13.79 -16.75 -6.98
N ASN A 277 -14.29 -17.45 -5.96
CA ASN A 277 -15.57 -17.11 -5.34
C ASN A 277 -15.48 -16.97 -3.83
N GLN A 278 -14.31 -16.61 -3.29
CA GLN A 278 -14.13 -16.52 -1.86
C GLN A 278 -13.32 -15.29 -1.49
N ILE A 279 -13.70 -14.65 -0.39
CA ILE A 279 -12.93 -13.54 0.20
C ILE A 279 -12.19 -14.10 1.41
N LYS A 280 -10.86 -14.00 1.39
CA LYS A 280 -9.99 -14.62 2.38
C LYS A 280 -8.96 -13.62 2.87
N PRO A 281 -8.44 -13.78 4.09
CA PRO A 281 -7.38 -12.88 4.55
C PRO A 281 -6.07 -13.15 3.83
N SER A 282 -5.22 -12.12 3.79
CA SER A 282 -3.92 -12.22 3.14
C SER A 282 -2.82 -11.77 4.08
N ASN A 283 -1.65 -12.41 3.97
CA ASN A 283 -0.47 -11.92 4.68
C ASN A 283 0.23 -10.78 3.94
N LEU A 284 -0.29 -10.38 2.78
CA LEU A 284 0.23 -9.27 1.97
C LEU A 284 1.70 -9.46 1.58
N LEU A 285 2.08 -10.73 1.37
CA LEU A 285 3.46 -11.08 1.06
C LEU A 285 3.94 -10.41 -0.22
N TRP A 286 3.13 -10.48 -1.27
CA TRP A 286 3.59 -9.99 -2.56
C TRP A 286 3.73 -8.48 -2.57
N THR A 287 2.78 -7.76 -1.95
CA THR A 287 2.88 -6.31 -1.87
C THR A 287 4.11 -5.89 -1.09
N LYS A 288 4.31 -6.50 0.09
CA LYS A 288 5.48 -6.16 0.90
C LYS A 288 6.78 -6.45 0.16
N THR A 289 6.79 -7.50 -0.65
CA THR A 289 7.99 -7.82 -1.41
C THR A 289 8.22 -6.80 -2.54
N ALA A 290 7.15 -6.47 -3.28
CA ALA A 290 7.28 -5.53 -4.39
C ALA A 290 7.71 -4.14 -3.92
N ILE A 291 7.25 -3.71 -2.73
CA ILE A 291 7.68 -2.44 -2.17
C ILE A 291 9.19 -2.44 -2.01
N ALA A 292 9.73 -3.50 -1.39
CA ALA A 292 11.17 -3.61 -1.18
C ALA A 292 11.93 -3.72 -2.50
N GLU A 293 11.43 -4.55 -3.41
CA GLU A 293 12.15 -4.78 -4.67
C GLU A 293 12.18 -3.51 -5.53
N SER A 294 11.05 -2.78 -5.59
CA SER A 294 11.01 -1.60 -6.46
C SER A 294 11.92 -0.48 -5.95
N LYS A 295 12.26 -0.50 -4.66
CA LYS A 295 13.18 0.46 -4.06
C LYS A 295 14.61 -0.06 -3.98
N GLY A 296 14.85 -1.30 -4.39
CA GLY A 296 16.19 -1.84 -4.37
C GLY A 296 16.74 -2.09 -2.98
N VAL A 297 15.87 -2.46 -2.03
CA VAL A 297 16.36 -2.80 -0.69
C VAL A 297 17.38 -3.91 -0.79
N SER A 298 18.50 -3.75 -0.11
CA SER A 298 19.51 -4.79 -0.16
C SER A 298 19.08 -6.02 0.63
N LEU A 299 19.57 -7.19 0.19
CA LEU A 299 19.29 -8.43 0.92
C LEU A 299 19.75 -8.33 2.37
N ALA A 300 20.91 -7.71 2.61
CA ALA A 300 21.40 -7.56 3.98
C ALA A 300 20.44 -6.75 4.83
N GLU A 301 19.92 -5.64 4.28
CA GLU A 301 18.99 -4.83 5.03
C GLU A 301 17.69 -5.57 5.28
N MET A 302 17.24 -6.35 4.30
CA MET A 302 16.01 -7.12 4.45
C MET A 302 16.15 -8.14 5.57
N LYS A 303 17.28 -8.84 5.60
CA LYS A 303 17.48 -9.86 6.62
C LYS A 303 17.60 -9.22 8.00
N ALA A 304 18.26 -8.06 8.09
CA ALA A 304 18.41 -7.37 9.37
C ALA A 304 17.05 -6.99 9.95
N ALA A 305 16.14 -6.50 9.11
CA ALA A 305 14.80 -6.15 9.58
C ALA A 305 14.05 -7.39 10.07
N ALA A 306 14.15 -8.49 9.34
CA ALA A 306 13.44 -9.71 9.72
C ALA A 306 13.97 -10.25 11.04
N GLN A 307 15.28 -10.18 11.25
CA GLN A 307 15.84 -10.68 12.50
C GLN A 307 15.50 -9.76 13.66
N HIS A 308 15.39 -8.45 13.41
CA HIS A 308 14.90 -7.53 14.43
C HIS A 308 13.51 -7.92 14.89
N TYR A 309 12.62 -8.23 13.94
CA TYR A 309 11.28 -8.64 14.30
C TYR A 309 11.29 -9.93 15.12
N LEU A 310 12.05 -10.92 14.66
CA LEU A 310 12.10 -12.20 15.34
C LEU A 310 12.50 -12.04 16.82
N LYS A 311 13.51 -11.19 17.07
CA LYS A 311 13.95 -10.99 18.45
C LYS A 311 12.88 -10.31 19.29
N ARG A 312 12.22 -9.28 18.74
CA ARG A 312 11.29 -8.52 19.59
C ARG A 312 9.99 -9.27 19.87
N ILE A 313 9.57 -10.21 19.02
CA ILE A 313 8.39 -11.01 19.36
C ILE A 313 8.73 -12.22 20.22
N SER A 314 10.01 -12.49 20.47
CA SER A 314 10.37 -13.74 21.14
C SER A 314 9.92 -13.79 22.59
N TYR A 315 9.67 -12.64 23.22
CA TYR A 315 9.31 -12.65 24.64
C TYR A 315 7.84 -12.99 24.87
N ALA A 316 6.98 -12.69 23.89
CA ALA A 316 5.57 -13.03 24.00
C ALA A 316 5.20 -14.31 23.26
N ASN A 317 5.99 -14.72 22.27
CA ASN A 317 5.64 -15.86 21.42
C ASN A 317 6.13 -17.16 22.07
N THR A 318 5.24 -18.15 22.15
CA THR A 318 5.52 -19.39 22.85
C THR A 318 5.86 -20.54 21.91
N ASP A 319 6.04 -20.27 20.62
CA ASP A 319 6.28 -21.31 19.61
C ASP A 319 7.76 -21.30 19.24
N LEU A 320 8.58 -21.94 20.08
CA LEU A 320 10.03 -21.92 19.89
C LEU A 320 10.44 -22.62 18.59
N GLU A 321 9.70 -23.65 18.19
CA GLU A 321 10.05 -24.35 16.95
C GLU A 321 9.91 -23.44 15.74
N ALA A 322 8.79 -22.72 15.65
CA ALA A 322 8.56 -21.84 14.51
C ALA A 322 9.51 -20.66 14.51
N GLN A 323 9.82 -20.09 15.68
CA GLN A 323 10.82 -19.03 15.74
C GLN A 323 12.17 -19.52 15.24
N ASN A 324 12.53 -20.75 15.58
CA ASN A 324 13.82 -21.28 15.14
C ASN A 324 13.83 -21.52 13.64
N LYS A 325 12.75 -22.10 13.11
CA LYS A 325 12.70 -22.35 11.67
C LYS A 325 12.74 -21.05 10.89
N ALA A 326 12.02 -20.04 11.37
CA ALA A 326 11.99 -18.75 10.68
C ALA A 326 13.38 -18.11 10.65
N ALA A 327 14.09 -18.14 11.80
CA ALA A 327 15.43 -17.56 11.83
C ALA A 327 16.37 -18.29 10.87
N GLU A 328 16.27 -19.61 10.80
CA GLU A 328 17.11 -20.38 9.88
C GLU A 328 16.73 -20.07 8.43
N THR A 329 15.42 -19.99 8.15
CA THR A 329 14.98 -19.73 6.79
C THR A 329 15.40 -18.34 6.32
N VAL A 330 15.35 -17.34 7.21
CA VAL A 330 15.86 -16.02 6.86
C VAL A 330 17.33 -16.10 6.46
N THR A 331 18.12 -16.88 7.21
CA THR A 331 19.54 -16.95 6.93
C THR A 331 19.81 -17.59 5.57
N GLN A 332 19.02 -18.60 5.19
CA GLN A 332 19.22 -19.27 3.91
C GLN A 332 18.67 -18.48 2.72
N ALA A 333 17.86 -17.45 2.97
CA ALA A 333 17.15 -16.76 1.88
C ALA A 333 18.12 -16.09 0.92
N THR A 334 17.79 -16.12 -0.38
CA THR A 334 18.59 -15.45 -1.38
C THR A 334 17.83 -14.36 -2.14
N THR A 335 16.53 -14.20 -1.89
CA THR A 335 15.73 -13.15 -2.54
C THR A 335 14.97 -12.39 -1.46
N LEU A 336 14.52 -11.17 -1.81
CA LEU A 336 13.69 -10.41 -0.88
C LEU A 336 12.39 -11.14 -0.57
N TYR A 337 11.82 -11.82 -1.56
CA TYR A 337 10.64 -12.65 -1.37
C TYR A 337 10.88 -13.71 -0.30
N ASP A 338 12.02 -14.40 -0.38
CA ASP A 338 12.29 -15.49 0.54
C ASP A 338 12.43 -15.01 1.98
N VAL A 339 13.03 -13.83 2.18
CA VAL A 339 13.09 -13.26 3.53
C VAL A 339 11.69 -13.02 4.07
N ASN A 340 10.84 -12.31 3.31
CA ASN A 340 9.47 -12.09 3.76
C ASN A 340 8.74 -13.40 4.02
N LYS A 341 8.88 -14.37 3.11
CA LYS A 341 8.14 -15.62 3.24
C LYS A 341 8.60 -16.42 4.45
N ALA A 342 9.86 -16.22 4.87
CA ALA A 342 10.36 -16.91 6.06
C ALA A 342 9.57 -16.56 7.31
N ILE A 343 9.00 -15.35 7.35
CA ILE A 343 8.21 -14.92 8.49
C ILE A 343 6.71 -14.99 8.22
N LEU A 344 6.27 -14.62 7.01
CA LEU A 344 4.86 -14.56 6.68
C LEU A 344 4.28 -15.87 6.19
N GLY A 345 5.11 -16.82 5.81
CA GLY A 345 4.62 -18.02 5.14
C GLY A 345 4.22 -17.70 3.72
N GLY A 346 3.83 -18.74 2.99
CA GLY A 346 3.36 -18.54 1.63
C GLY A 346 1.95 -17.98 1.54
N ASP A 347 1.19 -18.06 2.61
CA ASP A 347 -0.20 -17.64 2.67
C ASP A 347 -0.55 -17.30 4.12
N TYR A 348 -1.69 -16.64 4.30
CA TYR A 348 -2.10 -16.19 5.63
C TYR A 348 -2.18 -17.39 6.60
N GLY A 349 -1.66 -17.20 7.82
CA GLY A 349 -1.65 -18.25 8.83
C GLY A 349 -0.63 -19.35 8.64
N GLN A 350 0.15 -19.32 7.56
CA GLN A 350 1.13 -20.35 7.32
C GLN A 350 2.48 -20.03 7.95
N GLY A 351 2.72 -18.80 8.36
CA GLY A 351 3.97 -18.41 8.97
C GLY A 351 3.82 -18.05 10.43
N LEU A 352 4.95 -17.67 11.01
CA LEU A 352 5.03 -17.21 12.39
C LEU A 352 4.18 -15.97 12.62
N SER A 353 4.00 -15.14 11.60
CA SER A 353 3.29 -13.88 11.73
C SER A 353 2.43 -13.68 10.49
N ASN A 354 1.28 -13.02 10.67
CA ASN A 354 0.45 -12.62 9.54
C ASN A 354 0.68 -11.17 9.13
N THR A 355 1.41 -10.41 9.93
CA THR A 355 1.43 -8.95 9.82
C THR A 355 2.82 -8.35 9.65
N TYR A 356 3.90 -9.14 9.76
CA TYR A 356 5.25 -8.60 9.64
C TYR A 356 5.35 -7.73 8.39
N ASP A 357 5.94 -6.55 8.57
CA ASP A 357 6.00 -5.53 7.53
C ASP A 357 7.42 -4.99 7.51
N ALA A 358 8.18 -5.37 6.47
CA ALA A 358 9.61 -5.07 6.45
C ALA A 358 9.88 -3.57 6.38
N GLU A 359 9.04 -2.82 5.67
CA GLU A 359 9.25 -1.38 5.63
C GLU A 359 8.97 -0.75 7.00
N LEU A 360 7.89 -1.18 7.66
CA LEU A 360 7.64 -0.72 9.02
C LEU A 360 8.81 -1.08 9.92
N GLU A 361 9.27 -2.34 9.85
CA GLU A 361 10.32 -2.81 10.74
C GLU A 361 11.64 -2.10 10.49
N LYS A 362 11.93 -1.76 9.23
CA LYS A 362 13.13 -0.98 8.95
C LYS A 362 13.13 0.32 9.72
N GLY A 363 11.96 0.94 9.87
CA GLY A 363 11.86 2.15 10.68
C GLY A 363 12.22 1.91 12.14
N LEU A 364 11.79 0.77 12.71
CA LEU A 364 12.04 0.52 14.12
C LEU A 364 13.49 0.19 14.42
N LEU A 365 14.31 -0.12 13.41
CA LEU A 365 15.72 -0.44 13.66
C LEU A 365 16.44 0.71 14.35
N ALA A 366 15.98 1.94 14.12
N ALA A 366 15.98 1.94 14.12
CA ALA A 366 16.64 3.12 14.67
CA ALA A 366 16.64 3.12 14.67
C ALA A 366 16.29 3.36 16.14
C ALA A 366 16.29 3.36 16.14
N ILE A 367 15.44 2.54 16.75
CA ILE A 367 15.08 2.67 18.14
C ILE A 367 15.79 1.59 18.93
N ASP A 368 16.61 2.00 19.90
CA ASP A 368 17.45 1.07 20.64
C ASP A 368 16.61 0.27 21.66
N LEU A 369 16.66 -1.05 21.56
CA LEU A 369 15.94 -1.92 22.48
C LEU A 369 16.84 -2.59 23.51
N THR A 370 18.15 -2.32 23.46
CA THR A 370 19.07 -3.11 24.27
C THR A 370 18.83 -2.91 25.76
N THR A 371 18.49 -1.70 26.18
CA THR A 371 18.14 -1.48 27.58
C THR A 371 16.90 -2.26 27.97
N LEU A 372 15.87 -2.25 27.12
CA LEU A 372 14.65 -2.98 27.40
C LEU A 372 14.90 -4.49 27.41
N TYR A 373 15.76 -4.97 26.50
CA TYR A 373 16.07 -6.39 26.46
C TYR A 373 16.77 -6.83 27.74
N ARG A 374 17.70 -6.00 28.24
CA ARG A 374 18.38 -6.36 29.48
C ARG A 374 17.39 -6.43 30.64
N ALA A 375 16.44 -5.50 30.68
CA ALA A 375 15.42 -5.52 31.73
C ALA A 375 14.55 -6.76 31.63
N LEU A 376 14.06 -7.07 30.43
CA LEU A 376 13.20 -8.24 30.25
C LEU A 376 13.96 -9.52 30.53
N ASP A 377 15.24 -9.57 30.18
CA ASP A 377 16.04 -10.76 30.45
C ASP A 377 16.18 -10.99 31.94
N GLN A 378 16.35 -9.92 32.71
CA GLN A 378 16.39 -10.04 34.17
C GLN A 378 15.06 -10.55 34.70
N ALA A 379 13.95 -10.05 34.14
CA ALA A 379 12.65 -10.52 34.57
C ALA A 379 12.49 -12.02 34.32
N VAL A 380 12.89 -12.49 33.14
CA VAL A 380 12.80 -13.90 32.83
C VAL A 380 13.66 -14.73 33.78
N ALA A 381 14.89 -14.27 34.05
CA ALA A 381 15.72 -14.96 35.02
C ALA A 381 15.08 -14.95 36.41
N ALA A 382 14.39 -13.86 36.75
N ALA A 382 14.39 -13.86 36.75
CA ALA A 382 13.66 -13.75 38.00
CA ALA A 382 13.66 -13.75 38.00
C ALA A 382 12.26 -14.38 37.94
C ALA A 382 12.26 -14.38 37.94
N ILE A 383 12.01 -15.26 36.97
CA ILE A 383 10.86 -16.15 36.99
C ILE A 383 11.30 -17.60 37.11
N GLU A 384 12.42 -17.96 36.44
CA GLU A 384 12.92 -19.33 36.48
C GLU A 384 13.37 -19.74 37.86
N LYS A 385 13.76 -18.78 38.71
CA LYS A 385 14.10 -19.06 40.09
C LYS A 385 13.13 -18.31 41.00
N ALA A 386 11.83 -18.44 40.72
CA ALA A 386 10.82 -17.84 41.59
C ALA A 386 10.74 -18.54 42.93
N GLU A 387 11.22 -19.78 43.01
CA GLU A 387 11.20 -20.55 44.26
C GLU A 387 12.10 -19.92 45.32
N SER A 388 12.79 -18.84 44.95
CA SER A 388 13.74 -18.17 45.83
C SER A 388 13.33 -16.72 46.13
N TYR A 389 12.08 -16.35 45.90
CA TYR A 389 11.62 -14.99 46.13
C TYR A 389 10.20 -15.00 46.66
N THR A 390 9.70 -13.82 47.02
CA THR A 390 8.33 -13.67 47.49
C THR A 390 7.35 -13.85 46.33
N PRO A 391 6.41 -14.79 46.41
CA PRO A 391 5.42 -14.93 45.33
C PRO A 391 4.59 -13.67 45.11
N GLU A 392 4.42 -12.83 46.13
CA GLU A 392 3.67 -11.59 45.95
C GLU A 392 4.45 -10.54 45.17
N THR A 393 5.79 -10.68 45.08
CA THR A 393 6.58 -9.77 44.26
C THR A 393 6.76 -10.31 42.84
N ILE A 394 6.89 -11.63 42.70
CA ILE A 394 7.01 -12.24 41.37
C ILE A 394 5.73 -12.04 40.57
N GLN A 395 4.58 -12.11 41.23
CA GLN A 395 3.31 -11.91 40.54
C GLN A 395 3.22 -10.50 39.96
N ALA A 396 3.65 -9.50 40.73
CA ALA A 396 3.67 -8.14 40.20
C ALA A 396 4.68 -7.97 39.08
N LEU A 397 5.68 -8.85 38.99
CA LEU A 397 6.63 -8.80 37.89
C LEU A 397 6.09 -9.51 36.65
N GLN A 398 5.54 -10.72 36.84
CA GLN A 398 5.00 -11.46 35.71
C GLN A 398 3.87 -10.70 35.02
N THR A 399 3.01 -10.04 35.81
CA THR A 399 1.96 -9.23 35.21
C THR A 399 2.55 -8.11 34.36
N THR A 400 3.55 -7.40 34.89
CA THR A 400 4.14 -6.30 34.14
C THR A 400 4.95 -6.81 32.95
N LYS A 401 5.67 -7.92 33.13
CA LYS A 401 6.52 -8.43 32.05
C LYS A 401 5.68 -8.92 30.88
N GLU A 402 4.62 -9.70 31.14
CA GLU A 402 3.78 -10.21 30.06
C GLU A 402 3.15 -9.06 29.29
N SER A 403 2.78 -7.99 29.99
CA SER A 403 2.17 -6.85 29.32
C SER A 403 3.15 -6.17 28.37
N VAL A 404 4.37 -5.92 28.84
CA VAL A 404 5.37 -5.26 28.01
C VAL A 404 5.77 -6.16 26.85
N ALA A 405 5.96 -7.45 27.11
CA ALA A 405 6.28 -8.40 26.05
C ALA A 405 5.21 -8.37 24.97
N THR A 406 3.93 -8.43 25.37
CA THR A 406 2.83 -8.39 24.42
C THR A 406 2.84 -7.11 23.59
N GLU A 407 3.01 -5.96 24.25
CA GLU A 407 3.03 -4.70 23.51
C GLU A 407 4.28 -4.57 22.63
N LEU A 408 5.40 -5.13 23.09
CA LEU A 408 6.61 -5.09 22.27
C LEU A 408 6.46 -5.92 21.00
N ALA A 409 5.59 -6.94 21.02
CA ALA A 409 5.36 -7.77 19.85
C ALA A 409 4.21 -7.25 19.00
N GLY A 410 3.77 -6.02 19.23
CA GLY A 410 2.64 -5.47 18.52
C GLY A 410 3.04 -4.88 17.17
N LYS A 411 2.10 -4.16 16.58
CA LYS A 411 2.31 -3.65 15.21
C LYS A 411 3.50 -2.69 15.15
N THR A 412 3.48 -1.63 15.97
CA THR A 412 4.54 -0.65 15.97
C THR A 412 4.61 0.01 17.34
N TYR A 413 5.61 0.87 17.51
CA TYR A 413 5.83 1.59 18.76
C TYR A 413 6.76 2.75 18.47
N THR A 414 6.80 3.70 19.40
CA THR A 414 7.65 4.88 19.31
C THR A 414 8.80 4.75 20.28
N ALA A 415 9.87 5.51 20.02
CA ALA A 415 10.99 5.57 20.96
C ALA A 415 10.50 5.95 22.35
N ALA A 416 9.61 6.94 22.43
CA ALA A 416 9.05 7.32 23.73
C ALA A 416 8.34 6.14 24.38
N GLN A 417 7.66 5.33 23.58
CA GLN A 417 6.97 4.15 24.11
C GLN A 417 7.95 3.16 24.71
N VAL A 418 9.13 3.00 24.09
CA VAL A 418 10.10 2.04 24.59
C VAL A 418 10.60 2.44 25.97
N THR A 419 10.93 3.72 26.17
CA THR A 419 11.39 4.15 27.49
C THR A 419 10.32 3.88 28.55
N THR A 420 9.04 4.03 28.20
CA THR A 420 7.98 3.71 29.15
C THR A 420 8.03 2.25 29.57
N TRP A 421 8.17 1.33 28.60
CA TRP A 421 8.27 -0.09 28.96
C TRP A 421 9.52 -0.37 29.79
N GLN A 422 10.61 0.33 29.48
CA GLN A 422 11.84 0.18 30.28
C GLN A 422 11.59 0.55 31.73
N THR A 423 11.00 1.72 31.97
CA THR A 423 10.70 2.16 33.33
C THR A 423 9.76 1.18 34.03
N GLU A 424 8.74 0.70 33.31
CA GLU A 424 7.79 -0.23 33.91
C GLU A 424 8.49 -1.50 34.39
N VAL A 425 9.37 -2.06 33.55
CA VAL A 425 9.97 -3.34 33.90
C VAL A 425 10.98 -3.16 35.02
N GLN A 426 11.78 -2.08 34.97
CA GLN A 426 12.75 -1.83 36.03
C GLN A 426 12.04 -1.61 37.36
N THR A 427 10.91 -0.90 37.34
CA THR A 427 10.14 -0.66 38.56
C THR A 427 9.70 -1.98 39.18
N ALA A 428 9.14 -2.88 38.36
CA ALA A 428 8.72 -4.17 38.88
C ALA A 428 9.89 -5.00 39.40
N LEU A 429 11.09 -4.81 38.83
CA LEU A 429 12.26 -5.52 39.35
C LEU A 429 12.84 -4.82 40.57
N ASP A 430 12.76 -3.49 40.62
CA ASP A 430 13.27 -2.73 41.76
C ASP A 430 12.38 -2.87 43.00
N ASN A 431 11.35 -3.71 42.95
CA ASN A 431 10.53 -3.99 44.13
C ASN A 431 10.51 -5.50 44.38
ZN ZN B . -1.63 20.04 0.78
ZN ZN C . 0.01 -7.40 7.05
ZN ZN D . -7.12 -11.82 -0.03
ZN ZN E . -7.51 5.60 -12.22
CL CL F . -2.24 21.94 -0.22
CL CL G . -3.21 18.61 0.49
#